data_6QTJ
#
_entry.id   6QTJ
#
_cell.length_a   69.754
_cell.length_b   74.461
_cell.length_c   167.942
_cell.angle_alpha   90.00
_cell.angle_beta   90.00
_cell.angle_gamma   90.00
#
_symmetry.space_group_name_H-M   'P 21 21 21'
#
loop_
_entity.id
_entity.type
_entity.pdbx_description
1 polymer 'Cyclin-dependent kinase 8'
2 polymer Cyclin-C
3 non-polymer ~{N},~{N}-dimethyl-2-[4-[4-(2,6-naphthyridin-4-yl)phenyl]pyrazol-1-yl]ethanamide
4 water water
#
loop_
_entity_poly.entity_id
_entity_poly.type
_entity_poly.pdbx_seq_one_letter_code
_entity_poly.pdbx_strand_id
1 'polypeptide(L)'
;GSMDYDFKVKLSSERERVEDLFEYEGCKVGRGTYGHVYKAKRKDGKDDKDYALKQIEGTGISMSACREIALLRELKHPNV
ISLQKVFLSHADRKVWLLFDYAEHDLWHIIKFHRASKANKKPVQLPRGMVKSLLYQILDGIHYLHANWVLHRDLKPANIL
VMGEGPERGRVKIADMGFARLFNSPLKPLADLDPVVVTFWYRAPELLLGARHYTKAIDIWAIGCIFAELLTSEPIFHCRQ
EDIKTSNPYHHDQLDRIFNVMGFPADKDWEDIKKMPEHSTLMKDFRRNTYTNCSLIKYMEKHKVKPDSKAFHLLQKLLTM
DPIKRITSEQAMQDPYFLEDPLPTSDVFAGCQIPYPKREFLTEEEPDDKGDKKNQQQQQGNNHTNGTGHPGNQDSSHTQG
PPLKK
;
A
2 'polypeptide(L)'
;GSMAGNFWQSSHYLQWILDKQDLLKERQKDLKFLSEEEYWKLQIFFTNVIQALGEHLKLRQQVIATATVYFKRFYARYSL
KSIDPVLMAPTCVFLASKVEEFGVVSNTRLIAAATSVLKTRFSYAFPKEFPYRMNHILECEFYLLELMDCCLIVYHPYRP
LLQYVQDMGQEDMLLPLAWRIVNDTYRTDLCLLYPPFMIALACLHVACVVQQKDARQWFAELSVDMEKILEIIRVILKLY
EQWKNFDERKEMATILSKMPKPKPPPNSEGEQGPNGSQNSSYSQS
;
B
#
loop_
_chem_comp.id
_chem_comp.type
_chem_comp.name
_chem_comp.formula
JHK non-polymer ~{N},~{N}-dimethyl-2-[4-[4-(2,6-naphthyridin-4-yl)phenyl]pyrazol-1-yl]ethanamide 'C21 H19 N5 O'
#
# COMPACT_ATOMS: atom_id res chain seq x y z
N SER A 2 23.54 18.79 -8.81
CA SER A 2 22.62 17.69 -8.49
C SER A 2 21.77 18.02 -7.26
N MET A 3 22.45 18.27 -6.11
CA MET A 3 21.84 18.62 -4.83
C MET A 3 22.63 19.73 -4.16
N ASP A 4 21.91 20.66 -3.52
CA ASP A 4 22.48 21.81 -2.80
C ASP A 4 23.27 21.31 -1.58
N TYR A 5 24.49 21.86 -1.38
CA TYR A 5 25.37 21.49 -0.27
C TYR A 5 24.74 21.78 1.08
N ASP A 6 24.29 23.03 1.31
CA ASP A 6 23.65 23.48 2.55
C ASP A 6 22.39 22.68 2.89
N PHE A 7 21.62 22.27 1.85
CA PHE A 7 20.41 21.47 2.00
C PHE A 7 20.78 20.09 2.56
N LYS A 8 21.79 19.43 1.95
CA LYS A 8 22.28 18.11 2.36
C LYS A 8 22.86 18.14 3.77
N VAL A 9 23.69 19.15 4.08
CA VAL A 9 24.36 19.32 5.38
C VAL A 9 23.34 19.55 6.51
N LYS A 10 22.31 20.39 6.27
CA LYS A 10 21.25 20.66 7.24
C LYS A 10 20.51 19.37 7.58
N LEU A 11 20.00 18.66 6.53
CA LEU A 11 19.27 17.41 6.69
C LEU A 11 20.09 16.35 7.39
N SER A 12 21.38 16.23 7.06
CA SER A 12 22.32 15.28 7.66
C SER A 12 22.49 15.54 9.17
N SER A 13 22.57 16.83 9.58
CA SER A 13 22.68 17.25 10.97
C SER A 13 21.41 16.92 11.77
N GLU A 14 20.24 17.12 11.14
CA GLU A 14 18.93 16.92 11.77
C GLU A 14 18.35 15.50 11.66
N ARG A 15 18.90 14.64 10.77
CA ARG A 15 18.39 13.29 10.54
C ARG A 15 18.64 12.34 11.70
N GLU A 16 17.54 11.77 12.24
CA GLU A 16 17.59 10.78 13.33
C GLU A 16 18.06 9.44 12.76
N ARG A 17 19.14 8.90 13.36
CA ARG A 17 19.75 7.63 12.98
C ARG A 17 19.31 6.56 13.96
N VAL A 18 18.91 5.38 13.44
CA VAL A 18 18.41 4.24 14.20
C VAL A 18 19.41 3.81 15.30
N GLU A 19 20.73 3.77 14.99
CA GLU A 19 21.79 3.39 15.93
C GLU A 19 21.99 4.41 17.06
N ASP A 20 21.59 5.69 16.87
CA ASP A 20 21.70 6.72 17.91
C ASP A 20 20.52 6.66 18.87
N LEU A 21 19.36 6.23 18.37
CA LEU A 21 18.10 6.15 19.12
C LEU A 21 17.85 4.83 19.83
N PHE A 22 18.27 3.70 19.23
CA PHE A 22 17.99 2.38 19.79
C PHE A 22 19.19 1.45 19.94
N GLU A 23 19.16 0.63 21.00
CA GLU A 23 20.14 -0.42 21.26
C GLU A 23 19.50 -1.73 20.81
N TYR A 24 20.07 -2.35 19.77
CA TYR A 24 19.55 -3.58 19.15
C TYR A 24 20.67 -4.57 18.76
N GLU A 25 21.95 -4.21 18.99
CA GLU A 25 23.09 -5.08 18.68
C GLU A 25 22.99 -6.38 19.48
N GLY A 26 22.72 -7.47 18.79
CA GLY A 26 22.56 -8.80 19.36
C GLY A 26 21.17 -9.07 19.89
N CYS A 27 20.21 -8.20 19.51
CA CYS A 27 18.82 -8.29 19.95
C CYS A 27 17.87 -8.81 18.86
N LYS A 28 18.41 -9.54 17.87
CA LYS A 28 17.62 -10.12 16.77
C LYS A 28 16.71 -11.24 17.31
N VAL A 29 15.41 -11.17 16.97
CA VAL A 29 14.38 -12.13 17.43
C VAL A 29 13.64 -12.81 16.26
N GLY A 30 13.73 -12.22 15.07
CA GLY A 30 13.07 -12.72 13.88
C GLY A 30 13.89 -12.59 12.61
N ARG A 31 13.68 -13.51 11.67
CA ARG A 31 14.36 -13.56 10.36
C ARG A 31 13.39 -14.09 9.31
N GLY A 32 13.58 -13.66 8.07
CA GLY A 32 12.73 -14.09 6.97
C GLY A 32 12.98 -13.39 5.65
N THR A 33 11.97 -13.48 4.76
CA THR A 33 11.93 -12.88 3.43
C THR A 33 11.76 -11.37 3.55
N TYR A 34 11.01 -10.94 4.59
CA TYR A 34 10.71 -9.54 4.93
C TYR A 34 11.98 -8.74 5.32
N GLY A 35 12.90 -9.41 6.00
CA GLY A 35 14.15 -8.86 6.51
C GLY A 35 14.50 -9.46 7.85
N HIS A 36 14.85 -8.60 8.82
CA HIS A 36 15.22 -8.99 10.19
C HIS A 36 14.42 -8.16 11.20
N VAL A 37 14.15 -8.74 12.39
CA VAL A 37 13.41 -8.05 13.45
C VAL A 37 14.21 -8.09 14.75
N TYR A 38 14.38 -6.92 15.37
CA TYR A 38 15.10 -6.74 16.63
C TYR A 38 14.16 -6.23 17.73
N LYS A 39 14.40 -6.69 18.97
CA LYS A 39 13.71 -6.26 20.18
C LYS A 39 14.65 -5.20 20.76
N ALA A 40 14.32 -3.93 20.53
CA ALA A 40 15.17 -2.82 20.93
C ALA A 40 14.64 -1.99 22.09
N LYS A 41 15.55 -1.22 22.69
CA LYS A 41 15.26 -0.30 23.79
C LYS A 41 15.82 1.07 23.42
N ARG A 42 15.12 2.14 23.80
CA ARG A 42 15.57 3.51 23.52
C ARG A 42 16.89 3.77 24.27
N LYS A 43 17.88 4.38 23.59
CA LYS A 43 19.18 4.74 24.20
C LYS A 43 19.00 5.82 25.25
N ASP A 44 18.06 6.75 25.02
CA ASP A 44 17.63 7.80 25.94
C ASP A 44 16.55 7.16 26.84
N GLY A 45 16.75 7.20 28.15
CA GLY A 45 15.86 6.56 29.12
C GLY A 45 14.44 7.09 29.26
N LYS A 46 13.92 7.83 28.26
CA LYS A 46 12.57 8.41 28.25
C LYS A 46 11.44 7.37 28.36
N ASP A 47 11.73 6.11 27.95
CA ASP A 47 10.85 4.95 27.98
C ASP A 47 11.66 3.72 28.38
N ASP A 48 10.99 2.71 28.96
CA ASP A 48 11.62 1.42 29.27
C ASP A 48 10.89 0.30 28.51
N LYS A 49 9.95 0.69 27.63
CA LYS A 49 9.20 -0.27 26.82
C LYS A 49 10.04 -0.85 25.69
N ASP A 50 9.72 -2.09 25.29
CA ASP A 50 10.41 -2.76 24.20
C ASP A 50 9.83 -2.27 22.86
N TYR A 51 10.69 -2.18 21.85
CA TYR A 51 10.30 -1.76 20.52
C TYR A 51 10.73 -2.78 19.50
N ALA A 52 9.98 -2.89 18.41
CA ALA A 52 10.39 -3.80 17.36
C ALA A 52 10.99 -2.99 16.21
N LEU A 53 12.23 -3.35 15.84
CA LEU A 53 12.93 -2.71 14.73
C LEU A 53 13.04 -3.69 13.59
N LYS A 54 12.44 -3.35 12.47
CA LYS A 54 12.46 -4.19 11.29
C LYS A 54 13.40 -3.61 10.23
N GLN A 55 14.55 -4.27 10.04
CA GLN A 55 15.51 -3.91 9.01
C GLN A 55 15.08 -4.65 7.76
N ILE A 56 14.61 -3.91 6.75
CA ILE A 56 14.13 -4.45 5.48
C ILE A 56 15.28 -5.12 4.70
N GLU A 57 14.95 -6.21 3.98
CA GLU A 57 15.86 -6.98 3.13
C GLU A 57 16.40 -6.12 1.97
N GLY A 58 17.71 -6.18 1.76
CA GLY A 58 18.38 -5.46 0.68
C GLY A 58 18.50 -3.97 0.87
N THR A 59 19.17 -3.30 -0.07
CA THR A 59 19.35 -1.85 -0.04
C THR A 59 18.28 -1.15 -0.88
N GLY A 60 18.02 0.11 -0.53
CA GLY A 60 17.07 0.96 -1.22
C GLY A 60 15.64 0.64 -0.88
N ILE A 61 14.73 1.13 -1.71
CA ILE A 61 13.30 0.92 -1.53
C ILE A 61 12.83 -0.16 -2.50
N SER A 62 12.71 -1.39 -2.00
CA SER A 62 12.21 -2.54 -2.76
C SER A 62 10.68 -2.39 -2.88
N MET A 63 10.04 -3.27 -3.65
CA MET A 63 8.59 -3.28 -3.82
C MET A 63 7.89 -3.59 -2.51
N SER A 64 8.44 -4.56 -1.75
CA SER A 64 7.97 -5.00 -0.45
C SER A 64 8.03 -3.84 0.57
N ALA A 65 9.22 -3.18 0.68
CA ALA A 65 9.45 -2.03 1.56
C ALA A 65 8.48 -0.90 1.24
N CYS A 66 8.27 -0.67 -0.07
CA CYS A 66 7.36 0.32 -0.63
C CYS A 66 5.91 0.08 -0.21
N ARG A 67 5.41 -1.14 -0.42
CA ARG A 67 4.05 -1.55 -0.06
C ARG A 67 3.81 -1.41 1.45
N GLU A 68 4.76 -1.86 2.27
CA GLU A 68 4.62 -1.78 3.72
C GLU A 68 4.55 -0.33 4.21
N ILE A 69 5.51 0.52 3.77
CA ILE A 69 5.54 1.95 4.14
C ILE A 69 4.25 2.64 3.66
N ALA A 70 3.90 2.51 2.36
CA ALA A 70 2.71 3.15 1.77
C ALA A 70 1.42 2.86 2.51
N LEU A 71 1.16 1.59 2.80
CA LEU A 71 -0.06 1.14 3.45
C LEU A 71 -0.10 1.46 4.93
N LEU A 72 0.96 1.10 5.68
CA LEU A 72 1.02 1.34 7.12
C LEU A 72 1.00 2.82 7.49
N ARG A 73 1.35 3.69 6.53
CA ARG A 73 1.31 5.15 6.71
C ARG A 73 -0.16 5.62 6.73
N GLU A 74 -1.06 4.83 6.12
CA GLU A 74 -2.48 5.13 6.02
C GLU A 74 -3.35 4.35 6.99
N LEU A 75 -3.06 3.05 7.18
CA LEU A 75 -3.88 2.14 7.98
C LEU A 75 -3.85 2.42 9.49
N LYS A 76 -5.03 2.52 10.10
CA LYS A 76 -5.19 2.77 11.53
C LYS A 76 -6.31 1.89 12.08
N HIS A 77 -5.93 0.76 12.68
CA HIS A 77 -6.88 -0.19 13.25
C HIS A 77 -6.23 -0.90 14.46
N PRO A 78 -6.99 -1.18 15.56
CA PRO A 78 -6.40 -1.88 16.72
C PRO A 78 -5.81 -3.27 16.43
N ASN A 79 -6.22 -3.92 15.30
CA ASN A 79 -5.76 -5.27 14.97
C ASN A 79 -4.79 -5.33 13.79
N VAL A 80 -4.27 -4.18 13.38
CA VAL A 80 -3.27 -4.06 12.32
C VAL A 80 -2.08 -3.36 12.99
N ILE A 81 -0.86 -3.89 12.83
CA ILE A 81 0.37 -3.34 13.41
C ILE A 81 0.58 -1.86 13.00
N SER A 82 0.89 -1.02 13.98
CA SER A 82 1.10 0.42 13.78
C SER A 82 2.56 0.78 13.53
N LEU A 83 2.81 1.46 12.41
CA LEU A 83 4.13 1.96 12.06
C LEU A 83 4.33 3.30 12.78
N GLN A 84 5.32 3.35 13.69
CA GLN A 84 5.61 4.54 14.49
C GLN A 84 6.60 5.50 13.85
N LYS A 85 7.58 4.97 13.10
CA LYS A 85 8.64 5.78 12.48
C LYS A 85 9.35 4.98 11.37
N VAL A 86 9.96 5.69 10.41
CA VAL A 86 10.75 5.14 9.32
C VAL A 86 12.14 5.77 9.41
N PHE A 87 13.20 4.92 9.46
CA PHE A 87 14.58 5.39 9.46
C PHE A 87 15.18 5.02 8.10
N LEU A 88 15.74 6.01 7.43
CA LEU A 88 16.40 5.79 6.14
C LEU A 88 17.88 5.98 6.39
N SER A 89 18.61 4.86 6.51
CA SER A 89 20.06 4.89 6.76
C SER A 89 20.76 5.23 5.45
N HIS A 90 21.21 6.48 5.33
CA HIS A 90 21.84 7.02 4.12
C HIS A 90 23.20 6.40 3.80
N ALA A 91 23.96 5.99 4.84
CA ALA A 91 25.28 5.37 4.69
C ALA A 91 25.24 4.03 3.94
N ASP A 92 24.43 3.07 4.44
CA ASP A 92 24.31 1.72 3.85
C ASP A 92 23.02 1.48 3.05
N ARG A 93 22.18 2.54 2.88
CA ARG A 93 20.90 2.54 2.15
C ARG A 93 19.90 1.48 2.67
N LYS A 94 19.92 1.24 3.99
CA LYS A 94 18.99 0.29 4.61
C LYS A 94 17.78 1.04 5.18
N VAL A 95 16.61 0.41 5.07
CA VAL A 95 15.34 0.96 5.56
C VAL A 95 14.96 0.27 6.87
N TRP A 96 14.65 1.07 7.90
CA TRP A 96 14.23 0.55 9.19
C TRP A 96 12.83 1.03 9.54
N LEU A 97 11.99 0.09 9.99
CA LEU A 97 10.62 0.33 10.40
C LEU A 97 10.49 0.07 11.88
N LEU A 98 9.82 0.98 12.59
CA LEU A 98 9.65 0.94 14.03
C LEU A 98 8.17 0.75 14.40
N PHE A 99 7.92 -0.18 15.34
CA PHE A 99 6.62 -0.55 15.88
C PHE A 99 6.78 -0.86 17.38
N ASP A 100 5.64 -0.96 18.10
CA ASP A 100 5.61 -1.39 19.49
C ASP A 100 5.88 -2.90 19.46
N TYR A 101 6.62 -3.42 20.44
CA TYR A 101 6.98 -4.82 20.46
C TYR A 101 5.83 -5.73 20.84
N ALA A 102 5.60 -6.76 20.02
CA ALA A 102 4.60 -7.79 20.24
C ALA A 102 5.38 -9.03 20.72
N GLU A 103 5.24 -9.37 22.02
CA GLU A 103 5.96 -10.48 22.64
C GLU A 103 5.60 -11.85 22.04
N HIS A 104 4.35 -12.00 21.58
CA HIS A 104 3.84 -13.26 21.05
C HIS A 104 3.35 -13.19 19.61
N ASP A 105 3.13 -14.38 19.04
CA ASP A 105 2.55 -14.60 17.71
C ASP A 105 1.97 -16.00 17.73
N LEU A 106 1.06 -16.30 16.79
CA LEU A 106 0.40 -17.60 16.71
C LEU A 106 1.36 -18.74 16.37
N TRP A 107 2.45 -18.47 15.63
CA TRP A 107 3.43 -19.51 15.32
C TRP A 107 4.04 -20.09 16.61
N HIS A 108 4.44 -19.22 17.55
CA HIS A 108 5.01 -19.63 18.83
C HIS A 108 3.97 -20.18 19.79
N ILE A 109 2.74 -19.61 19.79
CA ILE A 109 1.65 -20.06 20.67
C ILE A 109 1.25 -21.50 20.31
N ILE A 110 0.97 -21.76 19.00
CA ILE A 110 0.60 -23.07 18.46
C ILE A 110 1.71 -24.09 18.74
N LYS A 111 2.98 -23.71 18.45
CA LYS A 111 4.18 -24.54 18.66
C LYS A 111 4.28 -25.01 20.11
N PHE A 112 3.99 -24.10 21.07
CA PHE A 112 4.01 -24.41 22.51
C PHE A 112 2.97 -25.48 22.84
N HIS A 113 1.75 -25.32 22.31
CA HIS A 113 0.66 -26.26 22.55
C HIS A 113 0.86 -27.62 21.91
N ARG A 114 1.40 -27.69 20.68
CA ARG A 114 1.61 -28.99 20.04
C ARG A 114 2.86 -29.72 20.62
N ALA A 115 3.78 -28.98 21.29
CA ALA A 115 4.96 -29.54 21.94
C ALA A 115 4.54 -30.30 23.21
N SER A 116 3.43 -29.85 23.85
CA SER A 116 2.85 -30.45 25.05
C SER A 116 2.51 -31.93 24.82
N LYS A 117 1.98 -32.27 23.62
CA LYS A 117 1.63 -33.63 23.20
C LYS A 117 2.88 -34.41 22.77
N LEU A 125 -4.89 -25.36 23.54
CA LEU A 125 -5.32 -23.96 23.41
C LEU A 125 -6.71 -23.73 24.02
N PRO A 126 -6.85 -22.89 25.09
CA PRO A 126 -8.21 -22.62 25.64
C PRO A 126 -9.18 -22.09 24.58
N ARG A 127 -10.39 -22.67 24.54
CA ARG A 127 -11.45 -22.36 23.56
C ARG A 127 -11.88 -20.87 23.52
N GLY A 128 -11.87 -20.21 24.69
CA GLY A 128 -12.15 -18.78 24.82
C GLY A 128 -11.09 -17.92 24.13
N MET A 129 -9.82 -18.38 24.19
CA MET A 129 -8.67 -17.73 23.55
C MET A 129 -8.75 -17.91 22.03
N VAL A 130 -9.08 -19.14 21.56
CA VAL A 130 -9.26 -19.48 20.13
C VAL A 130 -10.30 -18.54 19.48
N LYS A 131 -11.46 -18.39 20.13
CA LYS A 131 -12.55 -17.53 19.68
C LYS A 131 -12.15 -16.05 19.63
N SER A 132 -11.47 -15.58 20.68
CA SER A 132 -11.01 -14.18 20.75
C SER A 132 -9.95 -13.88 19.69
N LEU A 133 -9.04 -14.83 19.42
CA LEU A 133 -7.99 -14.71 18.41
C LEU A 133 -8.64 -14.58 17.02
N LEU A 134 -9.56 -15.52 16.69
CA LEU A 134 -10.29 -15.51 15.42
C LEU A 134 -11.11 -14.24 15.22
N TYR A 135 -11.79 -13.74 16.28
CA TYR A 135 -12.58 -12.51 16.18
C TYR A 135 -11.71 -11.31 15.85
N GLN A 136 -10.51 -11.24 16.44
CA GLN A 136 -9.59 -10.12 16.20
C GLN A 136 -8.89 -10.21 14.85
N ILE A 137 -8.62 -11.45 14.35
CA ILE A 137 -8.04 -11.66 13.00
C ILE A 137 -9.08 -11.16 11.97
N LEU A 138 -10.34 -11.60 12.11
CA LEU A 138 -11.45 -11.20 11.24
C LEU A 138 -11.71 -9.70 11.29
N ASP A 139 -11.64 -9.10 12.51
CA ASP A 139 -11.82 -7.65 12.66
C ASP A 139 -10.75 -6.87 11.85
N GLY A 140 -9.49 -7.30 12.01
CA GLY A 140 -8.35 -6.71 11.30
C GLY A 140 -8.41 -6.86 9.80
N ILE A 141 -8.76 -8.06 9.30
CA ILE A 141 -8.85 -8.32 7.86
C ILE A 141 -10.05 -7.61 7.22
N HIS A 142 -11.16 -7.45 7.98
CA HIS A 142 -12.36 -6.75 7.52
C HIS A 142 -12.02 -5.27 7.26
N TYR A 143 -11.23 -4.66 8.17
CA TYR A 143 -10.77 -3.27 8.02
C TYR A 143 -9.91 -3.14 6.75
N LEU A 144 -8.95 -4.07 6.57
CA LEU A 144 -8.09 -4.11 5.39
C LEU A 144 -8.91 -4.27 4.09
N HIS A 145 -9.86 -5.20 4.09
CA HIS A 145 -10.74 -5.49 2.96
C HIS A 145 -11.66 -4.32 2.63
N ALA A 146 -12.18 -3.61 3.65
CA ALA A 146 -13.01 -2.40 3.48
C ALA A 146 -12.18 -1.25 2.83
N ASN A 147 -10.85 -1.26 3.01
CA ASN A 147 -9.91 -0.28 2.45
C ASN A 147 -9.25 -0.80 1.16
N TRP A 148 -9.78 -1.92 0.61
CA TRP A 148 -9.34 -2.60 -0.62
C TRP A 148 -7.85 -3.05 -0.56
N VAL A 149 -7.41 -3.43 0.65
CA VAL A 149 -6.07 -3.95 0.89
C VAL A 149 -6.18 -5.46 1.15
N LEU A 150 -5.47 -6.26 0.34
CA LEU A 150 -5.41 -7.71 0.50
C LEU A 150 -4.09 -8.04 1.16
N HIS A 151 -4.10 -8.92 2.19
CA HIS A 151 -2.87 -9.30 2.87
C HIS A 151 -1.96 -10.13 1.96
N ARG A 152 -2.53 -11.17 1.31
CA ARG A 152 -1.89 -12.08 0.35
C ARG A 152 -0.96 -13.14 0.97
N ASP A 153 -0.69 -13.10 2.29
CA ASP A 153 0.17 -14.10 2.91
C ASP A 153 -0.10 -14.31 4.43
N LEU A 154 -1.38 -14.36 4.84
CA LEU A 154 -1.73 -14.63 6.25
C LEU A 154 -1.28 -16.03 6.67
N LYS A 155 -0.71 -16.14 7.86
CA LYS A 155 -0.20 -17.37 8.45
C LYS A 155 0.03 -17.12 9.96
N PRO A 156 0.14 -18.18 10.82
CA PRO A 156 0.39 -17.95 12.25
C PRO A 156 1.57 -17.02 12.60
N ALA A 157 2.68 -17.06 11.83
CA ALA A 157 3.86 -16.20 12.06
C ALA A 157 3.60 -14.68 11.87
N ASN A 158 2.49 -14.31 11.17
CA ASN A 158 2.04 -12.94 10.86
C ASN A 158 0.97 -12.39 11.81
N ILE A 159 0.36 -13.27 12.62
CA ILE A 159 -0.66 -12.90 13.59
C ILE A 159 0.03 -12.74 14.93
N LEU A 160 0.46 -11.53 15.21
CA LEU A 160 1.14 -11.15 16.45
C LEU A 160 0.14 -10.95 17.56
N VAL A 161 0.56 -11.20 18.82
CA VAL A 161 -0.27 -11.01 20.01
C VAL A 161 0.56 -10.21 20.99
N MET A 162 0.02 -9.09 21.50
CA MET A 162 0.71 -8.23 22.46
C MET A 162 0.84 -8.90 23.82
N GLY A 163 2.00 -8.72 24.44
CA GLY A 163 2.30 -9.24 25.77
C GLY A 163 1.84 -8.28 26.85
N GLU A 164 2.35 -8.45 28.09
CA GLU A 164 2.03 -7.58 29.23
C GLU A 164 2.23 -6.11 28.87
N GLY A 165 1.31 -5.28 29.33
CA GLY A 165 1.32 -3.85 29.05
C GLY A 165 -0.04 -3.29 28.73
N PRO A 166 -0.09 -2.04 28.17
CA PRO A 166 -1.39 -1.41 27.89
C PRO A 166 -2.26 -2.03 26.80
N GLU A 167 -1.74 -3.02 26.06
CA GLU A 167 -2.48 -3.68 24.98
C GLU A 167 -2.47 -5.19 25.12
N ARG A 168 -2.29 -5.70 26.35
CA ARG A 168 -2.24 -7.13 26.69
C ARG A 168 -3.34 -7.95 26.01
N GLY A 169 -2.92 -8.98 25.26
CA GLY A 169 -3.80 -9.90 24.57
C GLY A 169 -4.44 -9.37 23.29
N ARG A 170 -3.95 -8.26 22.76
CA ARG A 170 -4.47 -7.70 21.52
C ARG A 170 -3.71 -8.29 20.35
N VAL A 171 -4.47 -8.77 19.35
CA VAL A 171 -3.96 -9.32 18.10
C VAL A 171 -3.54 -8.17 17.18
N LYS A 172 -2.41 -8.33 16.50
CA LYS A 172 -1.89 -7.37 15.51
C LYS A 172 -1.47 -8.14 14.26
N ILE A 173 -2.10 -7.85 13.12
CA ILE A 173 -1.75 -8.45 11.84
C ILE A 173 -0.50 -7.72 11.35
N ALA A 174 0.60 -8.46 11.11
CA ALA A 174 1.84 -7.89 10.61
C ALA A 174 2.16 -8.35 9.18
N ASP A 175 3.30 -7.89 8.63
CA ASP A 175 3.83 -8.16 7.27
C ASP A 175 2.93 -7.63 6.15
N MET A 176 3.10 -6.36 5.77
CA MET A 176 2.33 -5.75 4.68
C MET A 176 3.15 -5.65 3.38
N GLY A 177 4.29 -6.34 3.34
CA GLY A 177 5.18 -6.37 2.18
C GLY A 177 4.80 -7.37 1.09
N PHE A 178 3.66 -8.08 1.26
CA PHE A 178 3.17 -9.06 0.30
C PHE A 178 1.84 -8.63 -0.29
N VAL A 197 7.73 -21.28 -0.52
CA VAL A 197 8.42 -22.40 0.14
C VAL A 197 7.38 -23.34 0.82
N THR A 198 6.40 -22.75 1.55
CA THR A 198 5.31 -23.43 2.26
C THR A 198 3.98 -22.90 1.71
N PHE A 199 3.07 -23.82 1.32
CA PHE A 199 1.77 -23.46 0.72
C PHE A 199 0.56 -23.92 1.54
N TRP A 200 0.77 -24.24 2.84
CA TRP A 200 -0.28 -24.74 3.75
C TRP A 200 -1.48 -23.80 3.92
N TYR A 201 -1.27 -22.50 3.71
CA TYR A 201 -2.27 -21.46 3.92
C TYR A 201 -2.78 -20.86 2.60
N ARG A 202 -2.31 -21.41 1.48
CA ARG A 202 -2.61 -21.01 0.10
C ARG A 202 -3.93 -21.65 -0.41
N ALA A 203 -4.89 -20.79 -0.79
CA ALA A 203 -6.22 -21.17 -1.30
C ALA A 203 -6.15 -22.14 -2.50
N PRO A 204 -7.10 -23.09 -2.68
CA PRO A 204 -6.97 -24.06 -3.79
C PRO A 204 -6.97 -23.46 -5.20
N GLU A 205 -7.65 -22.31 -5.40
CA GLU A 205 -7.69 -21.63 -6.71
C GLU A 205 -6.30 -21.06 -7.09
N LEU A 206 -5.47 -20.66 -6.09
CA LEU A 206 -4.11 -20.21 -6.36
C LEU A 206 -3.27 -21.38 -6.84
N LEU A 207 -3.42 -22.55 -6.18
CA LEU A 207 -2.74 -23.80 -6.53
C LEU A 207 -3.17 -24.36 -7.90
N LEU A 208 -4.31 -23.85 -8.44
CA LEU A 208 -4.86 -24.24 -9.74
C LEU A 208 -4.66 -23.17 -10.84
N GLY A 209 -3.89 -22.12 -10.51
CA GLY A 209 -3.51 -21.07 -11.44
C GLY A 209 -4.28 -19.76 -11.49
N ALA A 210 -5.11 -19.44 -10.46
CA ALA A 210 -5.83 -18.15 -10.41
C ALA A 210 -4.78 -17.03 -10.43
N ARG A 211 -4.89 -16.12 -11.40
CA ARG A 211 -3.92 -15.06 -11.67
C ARG A 211 -3.91 -13.90 -10.68
N HIS A 212 -5.03 -13.65 -10.02
CA HIS A 212 -5.12 -12.53 -9.09
C HIS A 212 -5.44 -12.90 -7.66
N TYR A 213 -4.90 -12.12 -6.72
CA TYR A 213 -5.21 -12.26 -5.31
C TYR A 213 -6.58 -11.61 -5.11
N THR A 214 -7.38 -12.15 -4.18
CA THR A 214 -8.75 -11.70 -3.90
C THR A 214 -8.98 -11.70 -2.39
N LYS A 215 -10.11 -11.11 -1.96
CA LYS A 215 -10.51 -11.10 -0.56
C LYS A 215 -10.68 -12.55 -0.05
N ALA A 216 -11.27 -13.43 -0.90
CA ALA A 216 -11.53 -14.84 -0.62
C ALA A 216 -10.26 -15.65 -0.31
N ILE A 217 -9.11 -15.28 -0.92
CA ILE A 217 -7.82 -15.92 -0.69
C ILE A 217 -7.39 -15.71 0.77
N ASP A 218 -7.62 -14.48 1.32
CA ASP A 218 -7.29 -14.14 2.70
C ASP A 218 -8.18 -14.92 3.68
N ILE A 219 -9.47 -15.08 3.32
CA ILE A 219 -10.47 -15.82 4.12
C ILE A 219 -10.08 -17.28 4.24
N TRP A 220 -9.65 -17.93 3.14
CA TRP A 220 -9.17 -19.32 3.16
C TRP A 220 -8.05 -19.46 4.20
N ALA A 221 -7.05 -18.54 4.16
CA ALA A 221 -5.91 -18.52 5.08
C ALA A 221 -6.37 -18.42 6.53
N ILE A 222 -7.40 -17.59 6.81
CA ILE A 222 -7.99 -17.45 8.14
C ILE A 222 -8.62 -18.78 8.59
N GLY A 223 -9.27 -19.49 7.65
CA GLY A 223 -9.86 -20.80 7.89
C GLY A 223 -8.80 -21.78 8.34
N CYS A 224 -7.64 -21.79 7.64
CA CYS A 224 -6.47 -22.63 7.93
C CYS A 224 -5.95 -22.37 9.35
N ILE A 225 -5.81 -21.08 9.69
CA ILE A 225 -5.35 -20.60 11.01
C ILE A 225 -6.33 -21.07 12.10
N PHE A 226 -7.65 -20.88 11.89
CA PHE A 226 -8.70 -21.31 12.82
C PHE A 226 -8.63 -22.83 13.10
N ALA A 227 -8.51 -23.65 12.03
CA ALA A 227 -8.39 -25.10 12.15
C ALA A 227 -7.17 -25.46 13.01
N GLU A 228 -6.02 -24.81 12.74
CA GLU A 228 -4.77 -24.98 13.46
C GLU A 228 -4.88 -24.55 14.92
N LEU A 229 -5.65 -23.49 15.21
CA LEU A 229 -5.86 -23.03 16.60
C LEU A 229 -6.70 -24.05 17.37
N LEU A 230 -7.66 -24.71 16.69
CA LEU A 230 -8.52 -25.72 17.31
C LEU A 230 -7.85 -27.07 17.50
N THR A 231 -6.85 -27.43 16.65
CA THR A 231 -6.21 -28.75 16.70
C THR A 231 -4.71 -28.77 17.07
N SER A 232 -4.04 -27.60 16.97
CA SER A 232 -2.59 -27.38 17.18
C SER A 232 -1.76 -27.92 15.99
N GLU A 233 -2.44 -28.43 14.95
CA GLU A 233 -1.84 -29.03 13.75
C GLU A 233 -2.17 -28.22 12.50
N PRO A 234 -1.22 -27.98 11.55
CA PRO A 234 -1.60 -27.28 10.31
C PRO A 234 -2.47 -28.25 9.51
N ILE A 235 -3.75 -27.87 9.30
CA ILE A 235 -4.76 -28.66 8.58
C ILE A 235 -4.23 -29.16 7.23
N PHE A 236 -3.48 -28.33 6.49
CA PHE A 236 -2.95 -28.73 5.18
C PHE A 236 -1.42 -28.82 5.19
N HIS A 237 -0.86 -29.38 6.29
CA HIS A 237 0.58 -29.61 6.41
C HIS A 237 1.01 -30.52 5.26
N CYS A 238 2.11 -30.18 4.65
CA CYS A 238 2.61 -30.89 3.48
C CYS A 238 4.14 -30.77 3.45
N ARG A 239 4.81 -31.83 2.98
CA ARG A 239 6.28 -31.81 2.83
C ARG A 239 6.69 -30.91 1.65
N GLN A 240 7.96 -30.47 1.63
CA GLN A 240 8.50 -29.58 0.60
C GLN A 240 9.06 -30.36 -0.60
N SER A 246 8.65 -23.34 -9.36
CA SER A 246 8.19 -21.96 -9.16
C SER A 246 6.79 -21.66 -9.76
N ASN A 247 6.22 -22.64 -10.50
CA ASN A 247 4.90 -22.55 -11.14
C ASN A 247 3.77 -22.58 -10.07
N PRO A 248 2.53 -22.08 -10.38
CA PRO A 248 1.47 -22.07 -9.34
C PRO A 248 0.97 -23.47 -8.91
N TYR A 249 1.03 -24.46 -9.82
CA TYR A 249 0.57 -25.83 -9.56
C TYR A 249 1.49 -26.62 -8.62
N HIS A 250 0.94 -27.01 -7.46
CA HIS A 250 1.61 -27.80 -6.42
C HIS A 250 0.78 -29.04 -6.08
N HIS A 251 1.13 -30.17 -6.74
CA HIS A 251 0.46 -31.46 -6.64
C HIS A 251 0.25 -31.97 -5.21
N ASP A 252 1.36 -32.13 -4.46
CA ASP A 252 1.33 -32.67 -3.10
C ASP A 252 0.46 -31.85 -2.17
N GLN A 253 0.50 -30.52 -2.32
CA GLN A 253 -0.32 -29.61 -1.54
C GLN A 253 -1.82 -29.83 -1.86
N LEU A 254 -2.18 -29.95 -3.15
CA LEU A 254 -3.56 -30.21 -3.58
C LEU A 254 -4.04 -31.56 -3.07
N ASP A 255 -3.17 -32.58 -3.13
CA ASP A 255 -3.43 -33.93 -2.63
C ASP A 255 -3.78 -33.88 -1.12
N ARG A 256 -3.01 -33.09 -0.33
CA ARG A 256 -3.28 -32.91 1.09
C ARG A 256 -4.62 -32.21 1.33
N ILE A 257 -4.94 -31.14 0.55
CA ILE A 257 -6.24 -30.45 0.62
C ILE A 257 -7.38 -31.46 0.40
N PHE A 258 -7.30 -32.26 -0.69
CA PHE A 258 -8.29 -33.28 -1.03
C PHE A 258 -8.40 -34.39 0.03
N ASN A 259 -7.27 -34.77 0.66
CA ASN A 259 -7.25 -35.77 1.74
C ASN A 259 -8.03 -35.29 2.98
N VAL A 260 -8.02 -33.97 3.23
CA VAL A 260 -8.76 -33.38 4.33
C VAL A 260 -10.22 -33.09 3.90
N MET A 261 -10.40 -32.26 2.85
CA MET A 261 -11.67 -31.76 2.35
C MET A 261 -12.52 -32.70 1.51
N GLY A 262 -11.87 -33.60 0.79
CA GLY A 262 -12.50 -34.47 -0.19
C GLY A 262 -12.29 -33.83 -1.56
N PHE A 263 -12.56 -34.55 -2.65
CA PHE A 263 -12.41 -33.97 -3.99
C PHE A 263 -13.68 -33.17 -4.31
N PRO A 264 -13.57 -31.89 -4.74
CA PRO A 264 -14.78 -31.10 -5.00
C PRO A 264 -15.66 -31.67 -6.11
N ALA A 265 -16.97 -31.80 -5.82
CA ALA A 265 -17.94 -32.25 -6.80
C ALA A 265 -18.19 -31.08 -7.76
N ASP A 266 -18.66 -31.36 -8.99
CA ASP A 266 -18.94 -30.33 -9.99
C ASP A 266 -19.85 -29.22 -9.46
N LYS A 267 -20.90 -29.59 -8.70
CA LYS A 267 -21.87 -28.69 -8.07
C LYS A 267 -21.24 -27.77 -7.01
N ASP A 268 -20.20 -28.27 -6.30
CA ASP A 268 -19.49 -27.58 -5.24
C ASP A 268 -18.64 -26.42 -5.74
N TRP A 269 -18.03 -26.59 -6.93
CA TRP A 269 -17.14 -25.60 -7.54
C TRP A 269 -17.23 -25.69 -9.06
N GLU A 270 -18.29 -25.11 -9.62
CA GLU A 270 -18.59 -25.13 -11.05
C GLU A 270 -17.50 -24.51 -11.93
N ASP A 271 -16.87 -23.41 -11.49
CA ASP A 271 -15.85 -22.72 -12.27
C ASP A 271 -14.44 -23.34 -12.18
N ILE A 272 -14.32 -24.56 -11.58
CA ILE A 272 -13.05 -25.30 -11.48
C ILE A 272 -12.51 -25.63 -12.89
N LYS A 273 -13.43 -25.79 -13.88
CA LYS A 273 -13.11 -26.06 -15.28
C LYS A 273 -12.43 -24.86 -15.94
N LYS A 274 -12.70 -23.63 -15.43
CA LYS A 274 -12.13 -22.37 -15.94
C LYS A 274 -10.70 -22.12 -15.45
N MET A 275 -10.26 -22.86 -14.41
CA MET A 275 -8.93 -22.74 -13.81
C MET A 275 -7.84 -23.12 -14.81
N PRO A 276 -6.73 -22.34 -14.93
CA PRO A 276 -5.68 -22.69 -15.89
C PRO A 276 -5.03 -24.08 -15.72
N GLU A 277 -5.03 -24.64 -14.49
CA GLU A 277 -4.46 -25.96 -14.22
C GLU A 277 -5.51 -27.08 -14.10
N HIS A 278 -6.75 -26.84 -14.57
CA HIS A 278 -7.82 -27.84 -14.51
C HIS A 278 -7.46 -29.11 -15.28
N SER A 279 -6.83 -28.98 -16.45
CA SER A 279 -6.43 -30.11 -17.26
C SER A 279 -5.34 -30.96 -16.57
N THR A 280 -4.44 -30.31 -15.80
CA THR A 280 -3.38 -30.95 -15.02
C THR A 280 -4.03 -31.72 -13.85
N LEU A 281 -5.02 -31.08 -13.17
CA LEU A 281 -5.81 -31.64 -12.09
C LEU A 281 -6.50 -32.94 -12.55
N MET A 282 -7.13 -32.91 -13.74
CA MET A 282 -7.80 -34.06 -14.36
C MET A 282 -6.83 -35.16 -14.71
N LYS A 283 -5.61 -34.77 -15.17
CA LYS A 283 -4.55 -35.70 -15.53
C LYS A 283 -3.92 -36.40 -14.31
N ASP A 284 -3.69 -35.66 -13.21
CA ASP A 284 -2.99 -36.17 -12.03
C ASP A 284 -3.88 -36.77 -10.94
N PHE A 285 -5.16 -36.37 -10.88
CA PHE A 285 -6.06 -36.84 -9.82
C PHE A 285 -7.29 -37.59 -10.32
N ARG A 286 -7.92 -38.34 -9.40
CA ARG A 286 -9.18 -39.06 -9.60
C ARG A 286 -9.96 -38.89 -8.31
N ARG A 287 -11.15 -38.27 -8.41
CA ARG A 287 -12.04 -37.96 -7.28
C ARG A 287 -12.34 -39.16 -6.36
N ASN A 288 -12.29 -40.39 -6.90
CA ASN A 288 -12.53 -41.66 -6.18
C ASN A 288 -11.54 -41.89 -5.02
N THR A 289 -10.28 -41.45 -5.18
CA THR A 289 -9.20 -41.55 -4.19
C THR A 289 -9.60 -40.90 -2.85
N TYR A 290 -10.49 -39.89 -2.91
CA TYR A 290 -10.91 -39.09 -1.76
C TYR A 290 -12.38 -39.26 -1.36
N THR A 291 -12.98 -40.44 -1.67
CA THR A 291 -14.40 -40.71 -1.35
C THR A 291 -14.70 -40.72 0.15
N ASN A 292 -13.81 -41.29 0.97
CA ASN A 292 -14.05 -41.30 2.43
C ASN A 292 -13.36 -40.10 3.13
N CYS A 293 -13.17 -39.00 2.39
CA CYS A 293 -12.54 -37.79 2.89
C CYS A 293 -13.54 -36.65 2.98
N SER A 294 -13.52 -35.96 4.12
CA SER A 294 -14.37 -34.81 4.42
C SER A 294 -13.81 -34.06 5.63
N LEU A 295 -14.12 -32.77 5.74
CA LEU A 295 -13.70 -31.92 6.86
C LEU A 295 -14.32 -32.43 8.18
N ILE A 296 -15.56 -32.97 8.14
CA ILE A 296 -16.24 -33.58 9.29
C ILE A 296 -15.33 -34.70 9.86
N LYS A 297 -14.92 -35.67 9.00
CA LYS A 297 -14.07 -36.79 9.39
C LYS A 297 -12.76 -36.35 9.98
N TYR A 298 -12.10 -35.34 9.34
CA TYR A 298 -10.83 -34.78 9.81
C TYR A 298 -10.96 -34.13 11.19
N MET A 299 -11.93 -33.21 11.33
CA MET A 299 -12.15 -32.47 12.58
C MET A 299 -12.57 -33.37 13.72
N GLU A 300 -13.30 -34.48 13.43
CA GLU A 300 -13.73 -35.46 14.43
C GLU A 300 -12.56 -36.22 15.02
N LYS A 301 -11.49 -36.46 14.22
CA LYS A 301 -10.27 -37.15 14.69
C LYS A 301 -9.54 -36.25 15.69
N HIS A 302 -9.65 -34.92 15.54
CA HIS A 302 -9.01 -33.93 16.41
C HIS A 302 -9.97 -33.36 17.48
N LYS A 303 -11.01 -34.15 17.81
CA LYS A 303 -12.01 -33.93 18.86
C LYS A 303 -12.84 -32.62 18.73
N VAL A 304 -12.99 -32.09 17.50
CA VAL A 304 -13.86 -30.94 17.25
C VAL A 304 -15.19 -31.50 16.70
N LYS A 305 -16.29 -31.24 17.42
CA LYS A 305 -17.63 -31.75 17.09
C LYS A 305 -18.22 -31.16 15.82
N PRO A 306 -18.73 -32.01 14.89
CA PRO A 306 -19.29 -31.48 13.63
C PRO A 306 -20.59 -30.66 13.77
N ASP A 307 -21.23 -30.70 14.95
CA ASP A 307 -22.45 -29.96 15.23
C ASP A 307 -22.17 -28.67 16.04
N SER A 308 -20.89 -28.42 16.38
CA SER A 308 -20.50 -27.22 17.10
C SER A 308 -20.61 -26.02 16.17
N LYS A 309 -20.81 -24.82 16.76
CA LYS A 309 -20.88 -23.57 16.00
C LYS A 309 -19.50 -23.26 15.38
N ALA A 310 -18.42 -23.72 16.06
CA ALA A 310 -17.02 -23.58 15.65
C ALA A 310 -16.80 -24.30 14.33
N PHE A 311 -17.26 -25.58 14.24
CA PHE A 311 -17.12 -26.39 13.03
C PHE A 311 -17.85 -25.74 11.83
N HIS A 312 -19.14 -25.37 12.01
CA HIS A 312 -19.97 -24.75 10.99
C HIS A 312 -19.36 -23.46 10.44
N LEU A 313 -18.67 -22.69 11.30
CA LEU A 313 -18.00 -21.47 10.88
C LEU A 313 -16.75 -21.83 10.08
N LEU A 314 -15.92 -22.74 10.62
CA LEU A 314 -14.71 -23.23 9.98
C LEU A 314 -15.00 -23.73 8.54
N GLN A 315 -16.08 -24.51 8.37
CA GLN A 315 -16.54 -25.07 7.09
C GLN A 315 -16.94 -23.96 6.10
N LYS A 316 -17.53 -22.87 6.60
CA LYS A 316 -17.91 -21.71 5.79
C LYS A 316 -16.67 -20.93 5.32
N LEU A 317 -15.59 -20.93 6.13
CA LEU A 317 -14.32 -20.26 5.79
C LEU A 317 -13.55 -21.15 4.81
N LEU A 318 -13.52 -22.49 5.06
CA LEU A 318 -12.82 -23.43 4.21
C LEU A 318 -13.74 -24.01 3.14
N THR A 319 -14.20 -23.16 2.25
CA THR A 319 -15.05 -23.53 1.13
C THR A 319 -14.12 -23.51 -0.09
N MET A 320 -14.06 -24.63 -0.82
CA MET A 320 -13.19 -24.81 -2.00
C MET A 320 -13.41 -23.70 -3.02
N ASP A 321 -14.69 -23.49 -3.42
CA ASP A 321 -15.08 -22.47 -4.37
C ASP A 321 -14.99 -21.09 -3.70
N PRO A 322 -14.11 -20.18 -4.23
CA PRO A 322 -13.96 -18.85 -3.61
C PRO A 322 -15.23 -17.97 -3.57
N ILE A 323 -16.15 -18.13 -4.54
CA ILE A 323 -17.39 -17.34 -4.55
C ILE A 323 -18.40 -17.84 -3.51
N LYS A 324 -18.18 -19.07 -2.98
CA LYS A 324 -19.04 -19.70 -1.98
C LYS A 324 -18.45 -19.58 -0.57
N ARG A 325 -17.29 -18.91 -0.46
CA ARG A 325 -16.59 -18.65 0.79
C ARG A 325 -17.22 -17.42 1.43
N ILE A 326 -17.48 -17.50 2.73
CA ILE A 326 -18.05 -16.42 3.56
C ILE A 326 -17.11 -15.19 3.56
N THR A 327 -17.66 -13.99 3.75
CA THR A 327 -16.83 -12.79 3.83
C THR A 327 -16.40 -12.60 5.30
N SER A 328 -15.44 -11.69 5.55
CA SER A 328 -14.98 -11.39 6.92
C SER A 328 -16.10 -10.79 7.78
N GLU A 329 -16.92 -9.89 7.20
CA GLU A 329 -18.04 -9.24 7.90
C GLU A 329 -19.13 -10.25 8.26
N GLN A 330 -19.42 -11.22 7.37
CA GLN A 330 -20.41 -12.28 7.60
C GLN A 330 -19.92 -13.25 8.67
N ALA A 331 -18.61 -13.55 8.66
CA ALA A 331 -17.93 -14.41 9.62
C ALA A 331 -18.02 -13.79 11.04
N MET A 332 -17.83 -12.46 11.16
CA MET A 332 -17.91 -11.73 12.43
C MET A 332 -19.33 -11.75 13.01
N GLN A 333 -20.34 -11.86 12.15
CA GLN A 333 -21.74 -11.90 12.54
C GLN A 333 -22.20 -13.34 12.88
N ASP A 334 -21.31 -14.34 12.74
CA ASP A 334 -21.62 -15.74 13.01
C ASP A 334 -22.11 -15.94 14.46
N PRO A 335 -23.16 -16.79 14.69
CA PRO A 335 -23.63 -17.02 16.08
C PRO A 335 -22.60 -17.64 17.02
N TYR A 336 -21.44 -18.12 16.47
CA TYR A 336 -20.33 -18.68 17.24
C TYR A 336 -19.80 -17.65 18.24
N PHE A 337 -19.75 -16.38 17.82
CA PHE A 337 -19.28 -15.28 18.65
C PHE A 337 -20.31 -14.81 19.69
N LEU A 338 -21.56 -15.31 19.61
CA LEU A 338 -22.65 -14.97 20.54
C LEU A 338 -22.81 -16.04 21.63
N GLU A 339 -22.29 -17.24 21.34
CA GLU A 339 -22.28 -18.43 22.20
C GLU A 339 -21.24 -18.19 23.30
N ASP A 340 -21.45 -18.77 24.49
CA ASP A 340 -20.53 -18.65 25.63
C ASP A 340 -19.23 -19.45 25.38
N PRO A 341 -18.04 -18.86 25.65
CA PRO A 341 -17.80 -17.48 26.12
C PRO A 341 -17.74 -16.46 24.97
N LEU A 342 -18.04 -15.18 25.26
CA LEU A 342 -17.96 -14.13 24.25
C LEU A 342 -16.47 -13.83 23.95
N PRO A 343 -16.10 -13.28 22.76
CA PRO A 343 -14.68 -12.95 22.56
C PRO A 343 -14.24 -11.74 23.43
N THR A 344 -13.01 -11.79 23.96
CA THR A 344 -12.47 -10.72 24.82
C THR A 344 -11.42 -9.88 24.10
N SER A 345 -11.24 -8.60 24.51
CA SER A 345 -10.23 -7.70 23.91
C SER A 345 -8.82 -8.21 24.20
N ASP A 346 -8.63 -8.79 25.40
CA ASP A 346 -7.40 -9.45 25.80
C ASP A 346 -7.71 -10.93 25.53
N VAL A 347 -7.05 -11.53 24.51
CA VAL A 347 -7.27 -12.94 24.14
C VAL A 347 -6.98 -13.88 25.32
N PHE A 348 -6.07 -13.49 26.23
CA PHE A 348 -5.71 -14.29 27.41
C PHE A 348 -6.72 -14.15 28.55
N ALA A 349 -7.59 -13.10 28.48
CA ALA A 349 -8.68 -12.78 29.42
C ALA A 349 -8.23 -12.67 30.89
N GLY A 350 -7.24 -11.81 31.14
CA GLY A 350 -6.68 -11.55 32.47
C GLY A 350 -5.97 -12.70 33.15
N CYS A 351 -5.83 -13.85 32.44
CA CYS A 351 -5.13 -15.04 32.94
C CYS A 351 -3.65 -14.92 32.66
N GLN A 352 -2.81 -15.62 33.45
CA GLN A 352 -1.36 -15.59 33.27
C GLN A 352 -0.91 -16.20 31.95
N ILE A 353 0.00 -15.50 31.25
CA ILE A 353 0.52 -15.94 29.95
C ILE A 353 1.55 -17.06 30.18
N PRO A 354 1.28 -18.30 29.71
CA PRO A 354 2.24 -19.39 29.93
C PRO A 354 3.37 -19.40 28.90
N TYR A 355 3.16 -18.71 27.76
CA TYR A 355 4.07 -18.66 26.63
C TYR A 355 5.39 -17.97 26.97
N PRO A 356 6.52 -18.64 26.64
CA PRO A 356 7.83 -18.02 26.91
C PRO A 356 8.09 -16.83 25.99
N LYS A 357 8.90 -15.88 26.48
CA LYS A 357 9.31 -14.70 25.72
C LYS A 357 10.24 -15.14 24.59
N ARG A 358 10.23 -14.39 23.48
CA ARG A 358 11.07 -14.72 22.32
C ARG A 358 12.56 -14.68 22.65
N GLU A 359 13.30 -15.71 22.22
CA GLU A 359 14.74 -15.77 22.47
C GLU A 359 15.57 -15.05 21.40
N PHE A 360 16.69 -14.48 21.83
CA PHE A 360 17.60 -13.73 20.98
C PHE A 360 18.48 -14.65 20.12
N LEU A 361 18.31 -14.55 18.79
CA LEU A 361 19.02 -15.35 17.77
C LEU A 361 20.49 -14.93 17.67
N MET B 3 -4.64 0.45 -2.89
CA MET B 3 -5.46 0.91 -1.78
C MET B 3 -6.58 1.87 -2.22
N ALA B 4 -7.72 1.83 -1.52
CA ALA B 4 -8.89 2.67 -1.78
C ALA B 4 -9.59 2.98 -0.44
N GLY B 5 -8.88 3.72 0.41
CA GLY B 5 -9.36 4.09 1.74
C GLY B 5 -10.16 5.37 1.78
N ASN B 6 -10.68 5.70 2.99
CA ASN B 6 -11.46 6.92 3.21
C ASN B 6 -10.51 8.12 3.16
N PHE B 7 -10.81 9.08 2.28
CA PHE B 7 -10.01 10.26 2.07
C PHE B 7 -9.86 11.11 3.34
N TRP B 8 -10.90 11.21 4.16
CA TRP B 8 -10.87 12.04 5.37
C TRP B 8 -9.90 11.53 6.45
N GLN B 9 -9.46 10.26 6.37
CA GLN B 9 -8.51 9.66 7.32
C GLN B 9 -7.12 9.45 6.68
N SER B 10 -6.95 9.88 5.42
CA SER B 10 -5.72 9.72 4.65
C SER B 10 -4.66 10.76 5.00
N SER B 11 -3.37 10.43 4.73
CA SER B 11 -2.24 11.33 4.95
C SER B 11 -2.34 12.50 3.98
N HIS B 12 -2.86 12.22 2.76
CA HIS B 12 -3.13 13.20 1.70
C HIS B 12 -4.01 14.34 2.26
N TYR B 13 -5.12 14.01 2.94
CA TYR B 13 -5.99 15.03 3.51
C TYR B 13 -5.44 15.67 4.79
N LEU B 14 -4.98 14.85 5.74
CA LEU B 14 -4.50 15.34 7.02
C LEU B 14 -3.18 16.12 6.95
N GLN B 15 -2.37 15.93 5.89
CA GLN B 15 -1.07 16.60 5.79
C GLN B 15 -0.75 17.25 4.43
N TRP B 16 -1.42 16.86 3.34
CA TRP B 16 -1.04 17.38 2.04
C TRP B 16 -2.15 18.18 1.33
N ILE B 17 -3.14 18.68 2.08
CA ILE B 17 -4.13 19.63 1.55
C ILE B 17 -3.72 20.93 2.23
N LEU B 18 -2.91 21.71 1.52
CA LEU B 18 -2.28 22.93 2.01
C LEU B 18 -3.11 24.19 1.80
N ASP B 19 -2.73 25.27 2.51
CA ASP B 19 -3.33 26.60 2.42
C ASP B 19 -2.54 27.35 1.38
N LYS B 20 -3.25 28.04 0.45
CA LYS B 20 -2.70 28.83 -0.65
C LYS B 20 -1.69 29.88 -0.18
N GLN B 21 -1.95 30.55 0.97
CA GLN B 21 -1.09 31.58 1.54
C GLN B 21 0.22 31.01 2.11
N ASP B 22 0.15 29.85 2.79
CA ASP B 22 1.32 29.14 3.32
C ASP B 22 2.21 28.65 2.17
N LEU B 23 1.57 28.30 1.03
CA LEU B 23 2.21 27.86 -0.21
C LEU B 23 2.93 29.03 -0.90
N LEU B 24 2.29 30.22 -0.96
CA LEU B 24 2.85 31.45 -1.53
C LEU B 24 4.05 31.93 -0.70
N LYS B 25 3.96 31.79 0.64
CA LYS B 25 5.02 32.15 1.58
C LYS B 25 6.28 31.31 1.39
N GLU B 26 6.13 30.01 1.09
CA GLU B 26 7.26 29.10 0.87
C GLU B 26 7.91 29.31 -0.49
N ARG B 27 7.13 29.84 -1.44
CA ARG B 27 7.53 30.12 -2.82
C ARG B 27 8.46 31.32 -2.91
N GLN B 28 8.32 32.28 -1.96
CA GLN B 28 9.07 33.54 -1.86
C GLN B 28 10.58 33.38 -1.99
N LYS B 29 11.11 32.25 -1.50
CA LYS B 29 12.53 31.92 -1.54
C LYS B 29 13.07 31.84 -2.97
N ASP B 30 12.27 31.25 -3.89
CA ASP B 30 12.58 31.10 -5.31
C ASP B 30 12.14 32.32 -6.14
N LEU B 31 11.18 33.10 -5.61
CA LEU B 31 10.61 34.27 -6.28
C LEU B 31 11.55 35.48 -6.36
N LYS B 32 12.76 35.36 -5.81
CA LYS B 32 13.79 36.40 -5.85
C LYS B 32 14.51 36.38 -7.22
N PHE B 33 14.47 35.21 -7.91
CA PHE B 33 15.12 34.96 -9.19
C PHE B 33 14.09 34.86 -10.33
N LEU B 34 12.96 34.23 -10.04
CA LEU B 34 11.86 34.03 -11.00
C LEU B 34 10.65 34.82 -10.55
N SER B 35 9.90 35.39 -11.49
CA SER B 35 8.66 36.08 -11.18
C SER B 35 7.59 35.02 -10.86
N GLU B 36 6.40 35.42 -10.38
CA GLU B 36 5.30 34.49 -10.08
C GLU B 36 4.87 33.76 -11.35
N GLU B 37 4.82 34.49 -12.49
CA GLU B 37 4.48 34.01 -13.82
C GLU B 37 5.47 32.94 -14.30
N GLU B 38 6.78 33.20 -14.16
CA GLU B 38 7.82 32.25 -14.57
C GLU B 38 7.81 30.99 -13.73
N TYR B 39 7.47 31.11 -12.42
CA TYR B 39 7.39 29.97 -11.50
C TYR B 39 6.27 29.01 -11.89
N TRP B 40 5.07 29.53 -12.26
CA TRP B 40 4.00 28.62 -12.69
C TRP B 40 4.30 28.01 -14.05
N LYS B 41 5.02 28.74 -14.93
CA LYS B 41 5.43 28.27 -16.25
C LYS B 41 6.37 27.07 -16.12
N LEU B 42 7.33 27.17 -15.19
CA LEU B 42 8.31 26.14 -14.82
C LEU B 42 7.61 24.87 -14.29
N GLN B 43 6.53 25.05 -13.49
CA GLN B 43 5.71 23.98 -12.90
C GLN B 43 4.98 23.20 -14.01
N ILE B 44 4.44 23.92 -15.02
CA ILE B 44 3.76 23.33 -16.20
C ILE B 44 4.79 22.50 -16.98
N PHE B 45 5.97 23.08 -17.22
CA PHE B 45 7.05 22.44 -17.96
C PHE B 45 7.42 21.07 -17.38
N PHE B 46 7.65 21.01 -16.06
CA PHE B 46 8.03 19.75 -15.42
C PHE B 46 6.88 18.75 -15.33
N THR B 47 5.63 19.24 -15.32
CA THR B 47 4.41 18.43 -15.38
C THR B 47 4.40 17.72 -16.75
N ASN B 48 4.73 18.47 -17.82
CA ASN B 48 4.82 17.96 -19.19
C ASN B 48 6.00 17.02 -19.39
N VAL B 49 7.10 17.23 -18.63
CA VAL B 49 8.30 16.37 -18.64
C VAL B 49 7.91 15.03 -18.01
N ILE B 50 7.19 15.06 -16.85
CA ILE B 50 6.73 13.85 -16.14
C ILE B 50 5.73 13.07 -17.02
N GLN B 51 4.82 13.78 -17.70
CA GLN B 51 3.84 13.21 -18.64
C GLN B 51 4.55 12.53 -19.81
N ALA B 52 5.61 13.17 -20.35
CA ALA B 52 6.37 12.60 -21.45
C ALA B 52 7.18 11.37 -21.00
N LEU B 53 7.74 11.40 -19.77
CA LEU B 53 8.50 10.29 -19.18
C LEU B 53 7.62 9.04 -19.00
N GLY B 54 6.41 9.24 -18.48
CA GLY B 54 5.42 8.20 -18.26
C GLY B 54 4.96 7.57 -19.56
N GLU B 55 4.67 8.41 -20.57
CA GLU B 55 4.25 7.97 -21.91
C GLU B 55 5.30 7.08 -22.55
N HIS B 56 6.59 7.47 -22.44
CA HIS B 56 7.73 6.72 -23.00
C HIS B 56 7.84 5.35 -22.35
N LEU B 57 7.66 5.32 -21.02
CA LEU B 57 7.74 4.11 -20.21
C LEU B 57 6.46 3.27 -20.25
N LYS B 58 5.40 3.79 -20.92
CA LYS B 58 4.08 3.15 -21.12
C LYS B 58 3.41 2.85 -19.78
N LEU B 59 3.35 3.88 -18.94
CA LEU B 59 2.77 3.84 -17.61
C LEU B 59 1.37 4.44 -17.65
N ARG B 60 0.45 3.89 -16.83
CA ARG B 60 -0.93 4.36 -16.73
C ARG B 60 -0.97 5.77 -16.13
N GLN B 61 -2.02 6.54 -16.48
CA GLN B 61 -2.25 7.91 -16.02
C GLN B 61 -2.13 8.06 -14.50
N GLN B 62 -2.54 7.01 -13.75
CA GLN B 62 -2.49 6.89 -12.29
C GLN B 62 -1.05 7.04 -11.80
N VAL B 63 -0.08 6.41 -12.50
CA VAL B 63 1.34 6.44 -12.16
C VAL B 63 1.90 7.85 -12.40
N ILE B 64 1.65 8.43 -13.59
CA ILE B 64 2.06 9.79 -13.97
C ILE B 64 1.51 10.81 -12.96
N ALA B 65 0.21 10.71 -12.61
CA ALA B 65 -0.44 11.62 -11.64
C ALA B 65 0.22 11.55 -10.26
N THR B 66 0.56 10.32 -9.79
CA THR B 66 1.24 10.07 -8.51
C THR B 66 2.64 10.70 -8.53
N ALA B 67 3.39 10.53 -9.63
CA ALA B 67 4.72 11.11 -9.81
C ALA B 67 4.68 12.65 -9.79
N THR B 68 3.70 13.25 -10.47
CA THR B 68 3.46 14.70 -10.56
C THR B 68 3.19 15.28 -9.17
N VAL B 69 2.31 14.65 -8.39
CA VAL B 69 1.97 15.07 -7.03
C VAL B 69 3.20 15.01 -6.13
N TYR B 70 4.05 13.96 -6.27
CA TYR B 70 5.30 13.83 -5.49
C TYR B 70 6.21 15.03 -5.76
N PHE B 71 6.41 15.33 -7.05
CA PHE B 71 7.23 16.43 -7.56
C PHE B 71 6.75 17.76 -6.97
N LYS B 72 5.43 18.04 -7.07
CA LYS B 72 4.81 19.25 -6.54
C LYS B 72 4.89 19.36 -5.01
N ARG B 73 4.66 18.24 -4.29
CA ARG B 73 4.71 18.21 -2.83
C ARG B 73 6.11 18.52 -2.34
N PHE B 74 7.13 18.01 -3.07
CA PHE B 74 8.52 18.27 -2.71
C PHE B 74 8.83 19.77 -2.83
N TYR B 75 8.49 20.40 -3.97
CA TYR B 75 8.79 21.82 -4.19
C TYR B 75 7.83 22.77 -3.49
N ALA B 76 6.75 22.25 -2.90
CA ALA B 76 5.84 23.05 -2.09
C ALA B 76 6.55 23.39 -0.78
N ARG B 77 7.45 22.50 -0.31
CA ARG B 77 8.19 22.68 0.93
C ARG B 77 9.65 23.08 0.71
N TYR B 78 10.23 22.76 -0.46
CA TYR B 78 11.65 23.05 -0.72
C TYR B 78 11.91 23.86 -1.98
N SER B 79 13.02 24.58 -1.98
CA SER B 79 13.50 25.43 -3.07
C SER B 79 13.87 24.59 -4.29
N LEU B 80 13.78 25.20 -5.50
CA LEU B 80 14.15 24.58 -6.78
C LEU B 80 15.65 24.27 -6.83
N LYS B 81 16.45 24.92 -5.95
CA LYS B 81 17.89 24.74 -5.84
C LYS B 81 18.26 23.56 -4.92
N SER B 82 17.31 23.06 -4.07
CA SER B 82 17.55 21.94 -3.13
C SER B 82 18.05 20.72 -3.87
N ILE B 83 17.23 20.25 -4.84
CA ILE B 83 17.50 19.12 -5.72
C ILE B 83 17.10 19.61 -7.10
N ASP B 84 17.93 19.30 -8.12
CA ASP B 84 17.67 19.65 -9.50
C ASP B 84 16.32 19.03 -9.95
N PRO B 85 15.33 19.84 -10.40
CA PRO B 85 14.05 19.25 -10.88
C PRO B 85 14.20 18.27 -12.05
N VAL B 86 15.31 18.38 -12.82
CA VAL B 86 15.64 17.48 -13.92
C VAL B 86 15.92 16.06 -13.35
N LEU B 87 16.48 15.97 -12.13
CA LEU B 87 16.73 14.70 -11.43
C LEU B 87 15.48 14.24 -10.69
N MET B 88 14.72 15.18 -10.09
CA MET B 88 13.50 14.88 -9.31
C MET B 88 12.39 14.26 -10.16
N ALA B 89 12.13 14.82 -11.37
CA ALA B 89 11.10 14.33 -12.29
C ALA B 89 11.22 12.81 -12.58
N PRO B 90 12.36 12.25 -13.08
CA PRO B 90 12.43 10.79 -13.28
C PRO B 90 12.46 10.00 -11.97
N THR B 91 12.95 10.61 -10.86
CA THR B 91 12.95 9.94 -9.54
C THR B 91 11.50 9.74 -9.08
N CYS B 92 10.66 10.78 -9.27
CA CYS B 92 9.25 10.75 -8.91
C CYS B 92 8.50 9.66 -9.71
N VAL B 93 8.85 9.50 -11.00
CA VAL B 93 8.30 8.47 -11.89
C VAL B 93 8.71 7.09 -11.33
N PHE B 94 10.01 6.94 -11.00
CA PHE B 94 10.60 5.73 -10.42
C PHE B 94 9.91 5.31 -9.13
N LEU B 95 9.69 6.25 -8.20
CA LEU B 95 9.01 5.94 -6.95
C LEU B 95 7.53 5.60 -7.15
N ALA B 96 6.79 6.41 -7.96
CA ALA B 96 5.36 6.22 -8.26
C ALA B 96 5.08 4.84 -8.87
N SER B 97 5.95 4.41 -9.81
CA SER B 97 5.86 3.09 -10.46
C SER B 97 5.95 1.95 -9.45
N LYS B 98 6.71 2.14 -8.37
CA LYS B 98 6.83 1.11 -7.32
C LYS B 98 5.60 1.11 -6.41
N VAL B 99 5.16 2.30 -5.97
CA VAL B 99 3.99 2.50 -5.10
C VAL B 99 2.72 1.98 -5.80
N GLU B 100 2.55 2.32 -7.09
CA GLU B 100 1.40 1.92 -7.89
C GLU B 100 1.43 0.46 -8.37
N GLU B 101 2.32 -0.39 -7.80
CA GLU B 101 2.48 -1.84 -8.07
C GLU B 101 2.82 -2.17 -9.54
N PHE B 102 3.38 -1.19 -10.28
CA PHE B 102 3.80 -1.37 -11.66
C PHE B 102 5.15 -2.08 -11.74
N GLY B 103 5.98 -1.88 -10.73
CA GLY B 103 7.27 -2.51 -10.61
C GLY B 103 8.44 -1.55 -10.55
N VAL B 104 9.63 -2.14 -10.47
CA VAL B 104 10.91 -1.43 -10.43
C VAL B 104 11.32 -1.24 -11.89
N VAL B 105 11.37 0.02 -12.36
CA VAL B 105 11.83 0.32 -13.73
C VAL B 105 13.34 0.03 -13.67
N SER B 106 13.86 -0.72 -14.64
CA SER B 106 15.28 -1.09 -14.64
C SER B 106 16.19 0.14 -14.79
N ASN B 107 17.47 -0.01 -14.39
CA ASN B 107 18.47 1.05 -14.47
C ASN B 107 18.57 1.54 -15.91
N THR B 108 18.69 0.59 -16.86
CA THR B 108 18.79 0.84 -18.29
C THR B 108 17.56 1.55 -18.84
N ARG B 109 16.35 1.04 -18.55
CA ARG B 109 15.08 1.59 -19.04
C ARG B 109 14.80 3.00 -18.54
N LEU B 110 15.13 3.32 -17.28
CA LEU B 110 14.89 4.65 -16.69
C LEU B 110 15.83 5.72 -17.24
N ILE B 111 17.14 5.41 -17.29
CA ILE B 111 18.17 6.32 -17.79
C ILE B 111 17.97 6.58 -19.28
N ALA B 112 17.64 5.53 -20.06
CA ALA B 112 17.39 5.67 -21.49
C ALA B 112 16.12 6.46 -21.75
N ALA B 113 15.09 6.32 -20.87
CA ALA B 113 13.82 7.06 -21.00
C ALA B 113 14.04 8.54 -20.76
N ALA B 114 14.83 8.90 -19.72
CA ALA B 114 15.12 10.30 -19.39
C ALA B 114 15.99 10.94 -20.47
N THR B 115 16.99 10.18 -21.00
CA THR B 115 17.89 10.66 -22.05
C THR B 115 17.10 10.91 -23.34
N SER B 116 16.32 9.93 -23.80
CA SER B 116 15.51 9.98 -25.02
C SER B 116 14.44 11.07 -24.99
N VAL B 117 13.62 11.13 -23.92
CA VAL B 117 12.55 12.11 -23.76
C VAL B 117 13.07 13.56 -23.81
N LEU B 118 14.14 13.87 -23.05
CA LEU B 118 14.71 15.21 -23.05
C LEU B 118 15.35 15.58 -24.39
N LYS B 119 15.95 14.59 -25.08
CA LYS B 119 16.61 14.75 -26.37
C LYS B 119 15.59 14.98 -27.50
N THR B 120 14.51 14.17 -27.54
CA THR B 120 13.47 14.19 -28.56
C THR B 120 12.43 15.30 -28.37
N ARG B 121 11.78 15.33 -27.20
CA ARG B 121 10.65 16.20 -26.90
C ARG B 121 10.97 17.50 -26.18
N PHE B 122 12.19 17.66 -25.65
CA PHE B 122 12.55 18.87 -24.90
C PHE B 122 13.91 19.49 -25.27
N SER B 123 14.41 19.22 -26.49
CA SER B 123 15.69 19.75 -27.00
C SER B 123 15.78 21.28 -26.98
N TYR B 124 14.63 21.98 -27.06
CA TYR B 124 14.51 23.44 -27.02
C TYR B 124 14.93 24.04 -25.67
N ALA B 125 14.83 23.23 -24.59
CA ALA B 125 15.14 23.63 -23.21
C ALA B 125 16.43 22.99 -22.68
N PHE B 126 16.83 21.85 -23.25
CA PHE B 126 18.05 21.15 -22.84
C PHE B 126 18.97 20.86 -24.02
N PRO B 127 19.99 21.72 -24.27
CA PRO B 127 20.92 21.45 -25.40
C PRO B 127 21.89 20.29 -25.11
N LYS B 128 22.16 20.01 -23.81
CA LYS B 128 23.04 18.92 -23.35
C LYS B 128 22.19 17.71 -22.96
N GLU B 129 22.78 16.51 -23.07
CA GLU B 129 22.18 15.22 -22.73
C GLU B 129 21.81 15.14 -21.24
N PHE B 130 20.86 14.25 -20.86
CA PHE B 130 20.48 14.00 -19.46
C PHE B 130 21.77 13.64 -18.69
N PRO B 131 22.15 14.44 -17.67
CA PRO B 131 23.46 14.23 -17.02
C PRO B 131 23.52 13.21 -15.90
N TYR B 132 22.37 12.71 -15.45
CA TYR B 132 22.34 11.81 -14.30
C TYR B 132 22.32 10.33 -14.67
N ARG B 133 22.86 9.51 -13.75
CA ARG B 133 22.92 8.07 -13.83
C ARG B 133 22.04 7.50 -12.70
N MET B 134 21.97 6.17 -12.58
CA MET B 134 21.13 5.49 -11.60
C MET B 134 21.47 5.80 -10.13
N ASN B 135 22.76 6.01 -9.82
CA ASN B 135 23.23 6.35 -8.48
C ASN B 135 22.61 7.67 -7.98
N HIS B 136 22.38 8.62 -8.91
CA HIS B 136 21.75 9.92 -8.63
C HIS B 136 20.27 9.74 -8.27
N ILE B 137 19.56 8.87 -9.03
CA ILE B 137 18.13 8.56 -8.84
C ILE B 137 17.92 7.86 -7.48
N LEU B 138 18.77 6.86 -7.16
CA LEU B 138 18.71 6.12 -5.90
C LEU B 138 18.96 7.01 -4.70
N GLU B 139 19.87 8.01 -4.82
CA GLU B 139 20.15 8.99 -3.78
C GLU B 139 18.93 9.92 -3.60
N CYS B 140 18.44 10.50 -4.73
CA CYS B 140 17.27 11.38 -4.76
C CYS B 140 16.01 10.74 -4.19
N GLU B 141 15.83 9.43 -4.45
CA GLU B 141 14.72 8.62 -3.98
C GLU B 141 14.65 8.60 -2.45
N PHE B 142 15.80 8.42 -1.80
CA PHE B 142 15.91 8.39 -0.34
C PHE B 142 15.51 9.73 0.26
N TYR B 143 15.94 10.85 -0.37
CA TYR B 143 15.59 12.22 0.04
C TYR B 143 14.10 12.50 -0.19
N LEU B 144 13.55 12.11 -1.35
CA LEU B 144 12.13 12.27 -1.69
C LEU B 144 11.19 11.56 -0.68
N LEU B 145 11.48 10.29 -0.34
CA LEU B 145 10.68 9.51 0.60
C LEU B 145 10.66 10.15 2.01
N GLU B 146 11.81 10.62 2.48
CA GLU B 146 12.04 11.28 3.77
C GLU B 146 11.29 12.61 3.86
N LEU B 147 11.41 13.44 2.81
CA LEU B 147 10.85 14.78 2.77
C LEU B 147 9.36 14.85 2.40
N MET B 148 8.71 13.70 2.23
CA MET B 148 7.27 13.60 2.01
C MET B 148 6.65 12.94 3.24
N ASP B 149 7.47 12.71 4.30
CA ASP B 149 7.09 12.07 5.57
C ASP B 149 6.51 10.67 5.29
N CYS B 150 7.08 10.00 4.27
CA CYS B 150 6.73 8.67 3.79
C CYS B 150 5.24 8.56 3.37
N CYS B 151 4.65 9.66 2.85
CA CYS B 151 3.28 9.69 2.37
C CYS B 151 3.34 9.30 0.91
N LEU B 152 2.92 8.06 0.59
CA LEU B 152 3.01 7.50 -0.76
C LEU B 152 1.67 7.32 -1.45
N ILE B 153 0.63 7.00 -0.69
CA ILE B 153 -0.71 6.82 -1.25
C ILE B 153 -1.31 8.18 -1.60
N VAL B 154 -1.55 8.37 -2.90
CA VAL B 154 -2.10 9.62 -3.42
C VAL B 154 -3.47 9.34 -4.06
N TYR B 155 -4.45 10.19 -3.74
CA TYR B 155 -5.79 10.14 -4.31
C TYR B 155 -5.86 11.15 -5.46
N HIS B 156 -6.44 10.72 -6.59
CA HIS B 156 -6.56 11.55 -7.79
C HIS B 156 -8.03 11.76 -8.20
N PRO B 157 -8.36 12.76 -9.05
CA PRO B 157 -9.78 12.97 -9.42
C PRO B 157 -10.36 11.96 -10.40
N TYR B 158 -9.55 11.05 -10.97
CA TYR B 158 -9.99 10.08 -11.98
C TYR B 158 -11.04 9.07 -11.49
N ARG B 159 -10.80 8.42 -10.32
CA ARG B 159 -11.74 7.48 -9.72
C ARG B 159 -13.08 8.18 -9.37
N PRO B 160 -13.15 9.30 -8.60
CA PRO B 160 -14.46 9.94 -8.37
C PRO B 160 -15.12 10.46 -9.65
N LEU B 161 -14.34 11.00 -10.64
CA LEU B 161 -14.87 11.47 -11.93
C LEU B 161 -15.61 10.34 -12.66
N LEU B 162 -15.01 9.14 -12.71
CA LEU B 162 -15.61 7.96 -13.34
C LEU B 162 -16.92 7.59 -12.63
N GLN B 163 -16.94 7.64 -11.28
CA GLN B 163 -18.11 7.37 -10.44
C GLN B 163 -19.23 8.40 -10.66
N TYR B 164 -18.87 9.70 -10.82
CA TYR B 164 -19.84 10.78 -11.05
C TYR B 164 -20.50 10.67 -12.43
N VAL B 165 -19.68 10.51 -13.49
CA VAL B 165 -20.10 10.40 -14.89
C VAL B 165 -20.97 9.15 -15.11
N GLN B 166 -20.62 8.02 -14.45
CA GLN B 166 -21.40 6.78 -14.50
C GLN B 166 -22.77 7.00 -13.85
N ASP B 167 -22.80 7.72 -12.70
CA ASP B 167 -24.01 8.06 -11.94
C ASP B 167 -24.96 8.98 -12.71
N MET B 168 -24.41 9.85 -13.56
CA MET B 168 -25.14 10.77 -14.43
C MET B 168 -25.78 9.98 -15.59
N GLY B 169 -25.09 8.92 -16.01
CA GLY B 169 -25.47 8.09 -17.14
C GLY B 169 -25.05 8.77 -18.44
N GLN B 170 -23.90 9.47 -18.39
CA GLN B 170 -23.34 10.22 -19.51
C GLN B 170 -21.86 9.89 -19.76
N GLU B 171 -21.49 8.60 -19.59
CA GLU B 171 -20.12 8.11 -19.77
C GLU B 171 -19.57 8.31 -21.19
N ASP B 172 -20.36 7.97 -22.22
CA ASP B 172 -19.94 8.09 -23.62
C ASP B 172 -19.65 9.53 -24.05
N MET B 173 -20.49 10.48 -23.59
CA MET B 173 -20.42 11.89 -23.99
C MET B 173 -19.45 12.77 -23.19
N LEU B 174 -19.55 12.79 -21.86
CA LEU B 174 -18.75 13.69 -21.02
C LEU B 174 -17.37 13.18 -20.57
N LEU B 175 -17.23 11.89 -20.24
CA LEU B 175 -15.97 11.32 -19.71
C LEU B 175 -14.71 11.65 -20.57
N PRO B 176 -14.65 11.50 -21.92
CA PRO B 176 -13.41 11.83 -22.64
C PRO B 176 -12.90 13.27 -22.44
N LEU B 177 -13.81 14.27 -22.44
CA LEU B 177 -13.43 15.66 -22.21
C LEU B 177 -13.07 15.96 -20.74
N ALA B 178 -13.95 15.54 -19.81
CA ALA B 178 -13.73 15.74 -18.37
C ALA B 178 -12.40 15.11 -17.91
N TRP B 179 -12.04 13.92 -18.44
CA TRP B 179 -10.78 13.19 -18.15
C TRP B 179 -9.56 13.99 -18.61
N ARG B 180 -9.68 14.64 -19.79
CA ARG B 180 -8.67 15.47 -20.41
C ARG B 180 -8.45 16.72 -19.56
N ILE B 181 -9.55 17.34 -19.04
CA ILE B 181 -9.49 18.50 -18.15
C ILE B 181 -8.79 18.14 -16.84
N VAL B 182 -9.05 16.92 -16.30
CA VAL B 182 -8.37 16.43 -15.10
C VAL B 182 -6.85 16.36 -15.35
N ASN B 183 -6.41 15.88 -16.53
CA ASN B 183 -4.98 15.83 -16.88
C ASN B 183 -4.39 17.25 -16.84
N ASP B 184 -5.10 18.21 -17.44
CA ASP B 184 -4.73 19.64 -17.52
C ASP B 184 -4.62 20.33 -16.15
N THR B 185 -5.40 19.85 -15.19
CA THR B 185 -5.43 20.31 -13.80
C THR B 185 -4.01 20.21 -13.17
N TYR B 186 -3.19 19.22 -13.62
CA TYR B 186 -1.82 19.02 -13.14
C TYR B 186 -0.86 20.12 -13.61
N ARG B 187 -1.35 21.03 -14.47
CA ARG B 187 -0.58 22.22 -14.88
C ARG B 187 -0.73 23.28 -13.78
N THR B 188 -1.53 22.99 -12.72
CA THR B 188 -1.80 23.90 -11.60
C THR B 188 -1.47 23.25 -10.26
N ASP B 189 -1.71 23.99 -9.17
CA ASP B 189 -1.49 23.61 -7.78
C ASP B 189 -2.72 22.96 -7.14
N LEU B 190 -3.83 22.81 -7.89
CA LEU B 190 -5.11 22.26 -7.39
C LEU B 190 -4.95 20.99 -6.54
N CYS B 191 -4.11 20.02 -6.97
CA CYS B 191 -3.85 18.76 -6.24
C CYS B 191 -3.30 18.98 -4.83
N LEU B 192 -2.76 20.17 -4.55
CA LEU B 192 -2.21 20.52 -3.24
C LEU B 192 -3.23 21.28 -2.40
N LEU B 193 -4.25 21.86 -3.02
CA LEU B 193 -5.21 22.69 -2.32
C LEU B 193 -6.60 22.13 -2.11
N TYR B 194 -7.04 21.18 -2.95
CA TYR B 194 -8.40 20.67 -2.84
C TYR B 194 -8.53 19.15 -2.86
N PRO B 195 -9.57 18.59 -2.15
CA PRO B 195 -9.82 17.14 -2.24
C PRO B 195 -10.08 16.70 -3.71
N PRO B 196 -9.61 15.49 -4.11
CA PRO B 196 -9.78 15.06 -5.51
C PRO B 196 -11.20 15.03 -6.05
N PHE B 197 -12.17 14.65 -5.21
CA PHE B 197 -13.58 14.59 -5.63
C PHE B 197 -14.10 15.96 -6.10
N MET B 198 -13.60 17.04 -5.45
CA MET B 198 -13.93 18.44 -5.74
C MET B 198 -13.32 18.88 -7.07
N ILE B 199 -12.08 18.45 -7.37
CA ILE B 199 -11.41 18.73 -8.63
C ILE B 199 -12.19 18.05 -9.77
N ALA B 200 -12.58 16.76 -9.57
CA ALA B 200 -13.36 15.95 -10.51
C ALA B 200 -14.71 16.61 -10.85
N LEU B 201 -15.44 17.11 -9.83
CA LEU B 201 -16.73 17.80 -10.01
C LEU B 201 -16.60 19.07 -10.83
N ALA B 202 -15.55 19.86 -10.57
CA ALA B 202 -15.29 21.10 -11.29
C ALA B 202 -14.93 20.82 -12.75
N CYS B 203 -14.13 19.76 -12.99
CA CYS B 203 -13.74 19.34 -14.33
C CYS B 203 -14.95 18.86 -15.10
N LEU B 204 -15.85 18.12 -14.43
CA LEU B 204 -17.11 17.64 -14.99
C LEU B 204 -18.00 18.84 -15.32
N HIS B 205 -18.00 19.88 -14.44
CA HIS B 205 -18.78 21.10 -14.64
C HIS B 205 -18.30 21.84 -15.90
N VAL B 206 -16.97 22.06 -16.03
CA VAL B 206 -16.37 22.72 -17.21
C VAL B 206 -16.70 21.93 -18.47
N ALA B 207 -16.61 20.58 -18.40
CA ALA B 207 -16.96 19.68 -19.51
C ALA B 207 -18.43 19.83 -19.94
N CYS B 208 -19.35 20.02 -18.96
CA CYS B 208 -20.78 20.20 -19.22
C CYS B 208 -21.04 21.53 -19.94
N VAL B 209 -20.34 22.60 -19.53
CA VAL B 209 -20.41 23.96 -20.08
C VAL B 209 -19.88 23.97 -21.53
N VAL B 210 -18.74 23.30 -21.78
CA VAL B 210 -18.11 23.18 -23.10
C VAL B 210 -19.01 22.39 -24.06
N GLN B 211 -19.51 21.22 -23.63
CA GLN B 211 -20.37 20.36 -24.44
C GLN B 211 -21.85 20.80 -24.49
N GLN B 212 -22.19 21.90 -23.77
CA GLN B 212 -23.51 22.53 -23.65
C GLN B 212 -24.59 21.54 -23.16
N LYS B 213 -24.30 20.87 -22.03
CA LYS B 213 -25.21 19.91 -21.40
C LYS B 213 -25.73 20.43 -20.07
N ASP B 214 -27.06 20.37 -19.89
CA ASP B 214 -27.72 20.82 -18.67
C ASP B 214 -27.57 19.75 -17.58
N ALA B 215 -26.77 20.06 -16.55
CA ALA B 215 -26.50 19.18 -15.42
C ALA B 215 -26.73 19.92 -14.10
N ARG B 216 -27.47 21.05 -14.15
CA ARG B 216 -27.82 21.93 -13.03
C ARG B 216 -28.47 21.16 -11.89
N GLN B 217 -29.48 20.32 -12.22
CA GLN B 217 -30.25 19.49 -11.30
C GLN B 217 -29.42 18.38 -10.65
N TRP B 218 -28.51 17.76 -11.41
CA TRP B 218 -27.63 16.70 -10.90
C TRP B 218 -26.65 17.30 -9.89
N PHE B 219 -26.03 18.45 -10.25
CA PHE B 219 -25.10 19.19 -9.40
C PHE B 219 -25.80 19.74 -8.14
N ALA B 220 -27.07 20.19 -8.28
CA ALA B 220 -27.89 20.73 -7.21
C ALA B 220 -28.27 19.69 -6.15
N GLU B 221 -28.34 18.40 -6.55
CA GLU B 221 -28.70 17.28 -5.67
C GLU B 221 -27.49 16.62 -5.00
N LEU B 222 -26.31 17.25 -5.08
CA LEU B 222 -25.07 16.72 -4.53
C LEU B 222 -24.82 17.03 -3.06
N SER B 223 -25.15 18.27 -2.61
CA SER B 223 -24.91 18.77 -1.25
C SER B 223 -23.39 18.79 -0.94
N VAL B 224 -22.66 19.60 -1.73
CA VAL B 224 -21.22 19.84 -1.65
C VAL B 224 -21.02 21.36 -1.56
N ASP B 225 -19.86 21.82 -1.06
CA ASP B 225 -19.58 23.25 -0.97
C ASP B 225 -19.32 23.78 -2.38
N MET B 226 -20.40 24.30 -3.02
CA MET B 226 -20.38 24.82 -4.38
C MET B 226 -19.47 26.03 -4.54
N GLU B 227 -19.29 26.85 -3.48
CA GLU B 227 -18.38 28.01 -3.49
C GLU B 227 -16.94 27.55 -3.69
N LYS B 228 -16.61 26.34 -3.16
CA LYS B 228 -15.29 25.72 -3.30
C LYS B 228 -15.13 25.12 -4.70
N ILE B 229 -16.22 24.58 -5.29
CA ILE B 229 -16.24 24.02 -6.65
C ILE B 229 -16.03 25.18 -7.63
N LEU B 230 -16.65 26.35 -7.35
CA LEU B 230 -16.54 27.57 -8.14
C LEU B 230 -15.12 28.12 -8.14
N GLU B 231 -14.41 28.03 -7.00
CA GLU B 231 -13.01 28.45 -6.83
C GLU B 231 -12.10 27.64 -7.75
N ILE B 232 -12.37 26.32 -7.86
CA ILE B 232 -11.63 25.38 -8.70
C ILE B 232 -11.90 25.67 -10.17
N ILE B 233 -13.19 25.92 -10.53
CA ILE B 233 -13.65 26.26 -11.88
C ILE B 233 -12.89 27.49 -12.40
N ARG B 234 -12.74 28.53 -11.55
CA ARG B 234 -12.01 29.76 -11.88
C ARG B 234 -10.56 29.47 -12.24
N VAL B 235 -9.91 28.54 -11.50
CA VAL B 235 -8.52 28.11 -11.74
C VAL B 235 -8.41 27.36 -13.07
N ILE B 236 -9.38 26.46 -13.35
CA ILE B 236 -9.45 25.69 -14.59
C ILE B 236 -9.55 26.65 -15.80
N LEU B 237 -10.49 27.61 -15.76
CA LEU B 237 -10.66 28.60 -16.81
C LEU B 237 -9.39 29.45 -16.99
N LYS B 238 -8.74 29.81 -15.86
CA LYS B 238 -7.51 30.58 -15.86
C LYS B 238 -6.36 29.81 -16.52
N LEU B 239 -6.27 28.48 -16.28
CA LEU B 239 -5.19 27.65 -16.84
C LEU B 239 -5.22 27.62 -18.37
N TYR B 240 -6.41 27.68 -19.00
CA TYR B 240 -6.51 27.71 -20.47
C TYR B 240 -6.10 29.06 -21.05
N GLU B 241 -6.32 30.15 -20.29
CA GLU B 241 -5.86 31.49 -20.69
C GLU B 241 -4.32 31.53 -20.56
N GLN B 242 -3.77 30.88 -19.52
CA GLN B 242 -2.33 30.75 -19.28
C GLN B 242 -1.72 29.94 -20.44
N TRP B 243 -2.37 28.80 -20.79
CA TRP B 243 -2.02 27.88 -21.87
C TRP B 243 -1.86 28.64 -23.20
N LYS B 244 -2.85 29.49 -23.54
CA LYS B 244 -2.89 30.31 -24.75
C LYS B 244 -1.70 31.28 -24.81
N ASN B 245 -1.43 32.00 -23.72
CA ASN B 245 -0.37 33.02 -23.66
C ASN B 245 1.05 32.45 -23.42
N PHE B 246 1.13 31.18 -23.01
CA PHE B 246 2.41 30.52 -22.74
C PHE B 246 2.93 29.74 -23.94
N ASP B 247 4.12 30.13 -24.41
CA ASP B 247 4.81 29.45 -25.49
C ASP B 247 6.02 28.79 -24.84
N GLU B 248 5.83 27.57 -24.40
CA GLU B 248 6.78 26.71 -23.70
C GLU B 248 8.10 26.58 -24.45
N ARG B 249 8.04 26.37 -25.76
CA ARG B 249 9.20 26.13 -26.58
C ARG B 249 10.09 27.37 -26.77
N LYS B 250 9.49 28.58 -26.76
CA LYS B 250 10.23 29.82 -26.93
C LYS B 250 10.72 30.44 -25.63
N GLU B 251 10.10 30.08 -24.49
CA GLU B 251 10.37 30.71 -23.19
C GLU B 251 11.19 29.93 -22.18
N MET B 252 11.10 28.60 -22.19
CA MET B 252 11.69 27.75 -21.15
C MET B 252 13.22 27.75 -21.00
N ALA B 253 14.02 27.89 -22.08
CA ALA B 253 15.48 27.91 -21.90
C ALA B 253 15.91 29.06 -20.98
N THR B 254 15.34 30.27 -21.21
CA THR B 254 15.56 31.48 -20.41
C THR B 254 15.06 31.29 -18.97
N ILE B 255 13.83 30.76 -18.78
CA ILE B 255 13.24 30.56 -17.45
C ILE B 255 14.11 29.57 -16.63
N LEU B 256 14.56 28.46 -17.25
CA LEU B 256 15.44 27.48 -16.60
C LEU B 256 16.79 28.10 -16.20
N SER B 257 17.31 29.06 -17.00
CA SER B 257 18.57 29.75 -16.73
C SER B 257 18.50 30.70 -15.53
N LYS B 258 17.31 31.30 -15.30
CA LYS B 258 17.02 32.21 -14.19
C LYS B 258 16.84 31.43 -12.87
N MET B 259 16.35 30.18 -12.98
CA MET B 259 16.06 29.28 -11.87
C MET B 259 17.30 29.04 -10.98
N PRO B 260 17.18 29.17 -9.63
CA PRO B 260 18.34 28.92 -8.75
C PRO B 260 18.91 27.51 -8.90
N LYS B 261 20.23 27.40 -8.96
CA LYS B 261 20.93 26.11 -9.14
C LYS B 261 21.52 25.56 -7.83
N PRO B 262 21.64 24.22 -7.69
CA PRO B 262 22.23 23.67 -6.45
C PRO B 262 23.67 24.11 -6.24
N LYS B 263 23.97 24.65 -5.04
CA LYS B 263 25.29 25.13 -4.64
C LYS B 263 26.24 23.93 -4.40
N PRO B 264 27.48 23.98 -4.94
CA PRO B 264 28.42 22.85 -4.73
C PRO B 264 29.20 22.94 -3.41
N PRO B 265 29.89 21.85 -2.96
CA PRO B 265 30.66 21.95 -1.69
C PRO B 265 31.85 22.91 -1.78
N PRO B 266 32.30 23.54 -0.67
CA PRO B 266 33.45 24.45 -0.77
C PRO B 266 34.79 23.70 -0.79
C5 JHK C . 6.60 -6.54 15.12
C6 JHK C . 7.10 -7.82 14.74
C7 JHK C . 7.23 -8.04 13.35
C10 JHK C . 6.24 -5.62 14.11
C13 JHK C . 9.52 -11.91 15.66
C15 JHK C . 7.43 -12.31 14.57
C17 JHK C . 9.08 -14.19 14.70
C21 JHK C . 10.32 -14.77 14.88
C22 JHK C . 11.25 -17.07 14.50
C26 JHK C . 12.48 -19.47 13.48
C1 JHK C . 7.22 -8.33 17.10
C11 JHK C . 7.89 -10.13 15.50
C12 JHK C . 9.14 -10.60 15.91
C14 JHK C . 7.04 -11.02 14.84
C16 JHK C . 8.68 -12.79 14.97
C18 JHK C . 8.27 -15.24 14.23
C2 JHK C . 7.46 -8.73 15.78
C23 JHK C . 12.05 -17.04 13.19
C27 JHK C . 13.40 -18.26 11.54
C3 JHK C . 6.41 -6.29 16.50
C9 JHK C . 6.44 -5.97 12.80
N19 JHK C . 8.94 -16.38 14.11
N20 JHK C . 10.20 -16.06 14.49
N25 JHK C . 12.61 -18.19 12.77
N4 JHK C . 6.76 -7.13 17.46
N8 JHK C . 6.90 -7.17 12.41
O24 JHK C . 12.19 -16.00 12.58
#